data_5TLP
#
_entry.id   5TLP
#
_cell.length_a   55.940
_cell.length_b   83.260
_cell.length_c   58.650
_cell.angle_alpha   90.00
_cell.angle_beta   109.29
_cell.angle_gamma   90.00
#
_symmetry.space_group_name_H-M   'P 1 21 1'
#
loop_
_entity.id
_entity.type
_entity.pdbx_description
1 polymer 'Estrogen receptor'
2 polymer 'NUCLEAR RECEPTOR COACTIVATOR 2'
3 non-polymer 3-methyl-6-phenyl-3H-imidazo[4,5-b]pyridin-2-amine
4 non-polymer '3-fluorophenyl (1S,2R,4S)-5-(4-hydroxyphenyl)-6-{4-[2-(piperidin-1-yl)ethoxy]phenyl}-7-oxabicyclo[2.2.1]hept-5-ene-2-sulfonate'
5 water water
#
loop_
_entity_poly.entity_id
_entity_poly.type
_entity_poly.pdbx_seq_one_letter_code
_entity_poly.pdbx_strand_id
1 'polypeptide(L)'
;IKRSKKNSLALSLTADQMVSALLDAEPPILYSEYDPTRPFSEASMMGLLTNLADRELVHMINWAKRVPGFVDLTLHDQVH
LLECAWLEILMIGLVWRSMEHPGKLLFAPNLLLDRNQGKCVEGMVEIFDMLLATSSRFRMMNLQGEEFVCLKSIILLNSG
VYTFLSSTLKSLEEKDHIHRVLDKITDTLIHLMAKAGLTLQQQHQRLAQLLLILSHIRHMSNKGMEHLYSMKCKNVVPLS
DLLLEMLDAHRLHAPTS
;
A,B
2 'polypeptide(L)' KHKILHRLLQDSS C,D
#
loop_
_chem_comp.id
_chem_comp.type
_chem_comp.name
_chem_comp.formula
7EH non-polymer 3-methyl-6-phenyl-3H-imidazo[4,5-b]pyridin-2-amine 'C13 H12 N4'
7ET non-polymer '3-fluorophenyl (1S,2R,4S)-5-(4-hydroxyphenyl)-6-{4-[2-(piperidin-1-yl)ethoxy]phenyl}-7-oxabicyclo[2.2.1]hept-5-ene-2-sulfonate' 'C31 H32 F N O6 S'
#
# COMPACT_ATOMS: atom_id res chain seq x y z
N SER A 8 -11.50 -19.39 -17.26
CA SER A 8 -10.19 -18.80 -17.53
C SER A 8 -10.28 -17.73 -18.60
N LEU A 9 -11.48 -17.19 -18.81
CA LEU A 9 -11.73 -16.27 -19.90
C LEU A 9 -11.22 -14.85 -19.64
N ALA A 10 -10.79 -14.54 -18.42
CA ALA A 10 -10.12 -13.28 -18.18
C ALA A 10 -8.66 -13.34 -18.65
N LEU A 11 -8.03 -14.51 -18.51
CA LEU A 11 -6.64 -14.67 -18.92
C LEU A 11 -6.47 -14.68 -20.43
N SER A 12 -7.55 -14.90 -21.18
CA SER A 12 -7.52 -14.89 -22.63
C SER A 12 -7.98 -13.55 -23.21
N LEU A 13 -8.04 -12.51 -22.39
CA LEU A 13 -8.36 -11.17 -22.88
C LEU A 13 -7.11 -10.52 -23.43
N THR A 14 -7.27 -9.82 -24.56
CA THR A 14 -6.22 -8.94 -25.01
C THR A 14 -6.11 -7.73 -24.08
N ALA A 15 -5.02 -6.98 -24.23
CA ALA A 15 -4.85 -5.78 -23.42
C ALA A 15 -5.93 -4.76 -23.74
N ASP A 16 -6.30 -4.63 -25.01
CA ASP A 16 -7.35 -3.68 -25.38
C ASP A 16 -8.72 -4.16 -24.89
N GLN A 17 -8.93 -5.48 -24.84
CA GLN A 17 -10.18 -5.99 -24.29
C GLN A 17 -10.23 -5.83 -22.78
N MET A 18 -9.08 -5.95 -22.11
CA MET A 18 -9.05 -5.70 -20.67
C MET A 18 -9.45 -4.26 -20.36
N VAL A 19 -8.91 -3.30 -21.13
CA VAL A 19 -9.21 -1.89 -20.89
C VAL A 19 -10.69 -1.62 -21.12
N SER A 20 -11.22 -2.11 -22.24
CA SER A 20 -12.63 -1.87 -22.56
C SER A 20 -13.55 -2.45 -21.49
N ALA A 21 -13.25 -3.66 -21.02
CA ALA A 21 -14.08 -4.26 -19.97
C ALA A 21 -14.02 -3.44 -18.69
N LEU A 22 -12.83 -2.93 -18.34
CA LEU A 22 -12.70 -2.12 -17.13
C LEU A 22 -13.40 -0.78 -17.29
N LEU A 23 -13.24 -0.13 -18.45
CA LEU A 23 -13.93 1.13 -18.69
C LEU A 23 -15.44 0.96 -18.66
N ASP A 24 -15.94 -0.13 -19.25
CA ASP A 24 -17.38 -0.36 -19.28
C ASP A 24 -17.93 -0.66 -17.90
N ALA A 25 -17.10 -1.20 -17.00
CA ALA A 25 -17.57 -1.55 -15.66
C ALA A 25 -17.61 -0.36 -14.71
N GLU A 26 -17.14 0.81 -15.15
CA GLU A 26 -17.00 1.94 -14.25
C GLU A 26 -18.33 2.29 -13.60
N PRO A 27 -18.37 2.54 -12.30
CA PRO A 27 -19.60 2.95 -11.64
C PRO A 27 -19.92 4.40 -11.98
N PRO A 28 -21.15 4.83 -11.76
CA PRO A 28 -21.51 6.23 -12.01
C PRO A 28 -21.06 7.14 -10.88
N ILE A 29 -21.07 8.44 -11.16
CA ILE A 29 -20.76 9.46 -10.16
C ILE A 29 -22.08 9.86 -9.49
N LEU A 30 -22.16 9.63 -8.19
CA LEU A 30 -23.39 9.90 -7.45
C LEU A 30 -23.37 11.30 -6.86
N TYR A 31 -24.56 11.77 -6.47
CA TYR A 31 -24.71 13.04 -5.78
C TYR A 31 -24.94 12.82 -4.30
N SER A 32 -24.59 13.84 -3.51
CA SER A 32 -24.95 13.86 -2.10
C SER A 32 -26.25 14.65 -1.93
N GLU A 33 -26.85 14.52 -0.75
CA GLU A 33 -28.07 15.24 -0.44
C GLU A 33 -27.76 16.51 0.37
N TYR A 34 -26.89 17.34 -0.22
CA TYR A 34 -26.41 18.53 0.44
C TYR A 34 -27.56 19.38 0.94
N ASP A 35 -27.32 20.09 2.05
CA ASP A 35 -28.38 20.71 2.85
C ASP A 35 -28.63 22.19 2.57
N PRO A 36 -27.79 22.86 1.74
CA PRO A 36 -27.49 24.28 1.98
C PRO A 36 -27.84 24.76 3.36
N PRO A 39 -25.95 24.99 7.70
CA PRO A 39 -24.65 25.07 8.37
C PRO A 39 -24.00 23.70 8.60
N PHE A 40 -22.69 23.65 8.44
CA PHE A 40 -21.93 22.42 8.62
C PHE A 40 -21.59 22.23 10.09
N SER A 41 -22.07 21.14 10.67
CA SER A 41 -21.55 20.65 11.94
C SER A 41 -20.66 19.46 11.68
N GLU A 42 -19.94 19.03 12.71
CA GLU A 42 -19.17 17.79 12.60
C GLU A 42 -20.07 16.63 12.19
N ALA A 43 -21.26 16.57 12.77
CA ALA A 43 -22.19 15.48 12.50
C ALA A 43 -22.83 15.60 11.12
N SER A 44 -23.19 16.81 10.70
CA SER A 44 -23.90 16.97 9.43
C SER A 44 -23.00 16.65 8.24
N MET A 45 -21.72 17.01 8.33
CA MET A 45 -20.81 16.70 7.24
C MET A 45 -20.48 15.22 7.20
N MET A 46 -20.21 14.61 8.36
CA MET A 46 -19.97 13.18 8.40
C MET A 46 -21.19 12.40 7.92
N GLY A 47 -22.39 12.92 8.16
CA GLY A 47 -23.59 12.25 7.66
C GLY A 47 -23.68 12.25 6.14
N LEU A 48 -23.36 13.39 5.52
CA LEU A 48 -23.34 13.44 4.06
C LEU A 48 -22.34 12.45 3.48
N LEU A 49 -21.14 12.39 4.06
CA LEU A 49 -20.09 11.54 3.51
C LEU A 49 -20.40 10.07 3.70
N THR A 50 -20.89 9.68 4.88
CA THR A 50 -21.23 8.29 5.13
C THR A 50 -22.42 7.85 4.29
N ASN A 51 -23.41 8.74 4.10
CA ASN A 51 -24.53 8.41 3.23
C ASN A 51 -24.04 8.18 1.80
N LEU A 52 -23.17 9.07 1.31
CA LEU A 52 -22.61 8.92 -0.03
C LEU A 52 -21.77 7.64 -0.13
N ALA A 53 -20.91 7.40 0.85
CA ALA A 53 -20.06 6.21 0.82
C ALA A 53 -20.90 4.94 0.84
N ASP A 54 -22.01 4.96 1.59
CA ASP A 54 -22.88 3.80 1.64
C ASP A 54 -23.52 3.52 0.29
N ARG A 55 -24.03 4.56 -0.38
CA ARG A 55 -24.61 4.36 -1.70
C ARG A 55 -23.56 3.95 -2.73
N GLU A 56 -22.33 4.46 -2.58
CA GLU A 56 -21.27 4.07 -3.51
C GLU A 56 -20.83 2.63 -3.30
N LEU A 57 -20.93 2.13 -2.07
CA LEU A 57 -20.56 0.74 -1.81
C LEU A 57 -21.44 -0.23 -2.60
N VAL A 58 -22.73 0.08 -2.72
CA VAL A 58 -23.62 -0.78 -3.50
C VAL A 58 -23.18 -0.82 -4.95
N HIS A 59 -22.81 0.33 -5.51
CA HIS A 59 -22.33 0.35 -6.88
C HIS A 59 -20.97 -0.30 -7.02
N MET A 60 -20.13 -0.21 -5.98
CA MET A 60 -18.82 -0.85 -6.03
C MET A 60 -18.96 -2.37 -6.14
N ILE A 61 -19.95 -2.94 -5.45
CA ILE A 61 -20.16 -4.38 -5.51
C ILE A 61 -20.54 -4.81 -6.92
N ASN A 62 -21.40 -4.04 -7.59
CA ASN A 62 -21.71 -4.31 -8.99
C ASN A 62 -20.46 -4.20 -9.85
N TRP A 63 -19.64 -3.17 -9.62
CA TRP A 63 -18.42 -3.00 -10.39
C TRP A 63 -17.47 -4.17 -10.18
N ALA A 64 -17.31 -4.62 -8.93
CA ALA A 64 -16.34 -5.68 -8.64
C ALA A 64 -16.68 -6.95 -9.40
N LYS A 65 -17.98 -7.29 -9.48
CA LYS A 65 -18.40 -8.46 -10.24
C LYS A 65 -18.11 -8.34 -11.73
N ARG A 66 -17.81 -7.15 -12.23
CA ARG A 66 -17.49 -6.97 -13.64
C ARG A 66 -15.98 -6.89 -13.89
N VAL A 67 -15.15 -6.98 -12.86
CA VAL A 67 -13.71 -7.01 -13.04
C VAL A 67 -13.30 -8.39 -13.50
N PRO A 68 -12.62 -8.51 -14.64
CA PRO A 68 -12.28 -9.84 -15.19
C PRO A 68 -11.52 -10.69 -14.17
N GLY A 69 -12.07 -11.88 -13.88
CA GLY A 69 -11.48 -12.78 -12.93
C GLY A 69 -12.15 -12.79 -11.57
N PHE A 70 -12.83 -11.70 -11.19
CA PHE A 70 -13.46 -11.63 -9.88
C PHE A 70 -14.63 -12.60 -9.77
N VAL A 71 -15.37 -12.78 -10.87
CA VAL A 71 -16.47 -13.74 -10.89
C VAL A 71 -15.98 -15.14 -10.56
N ASP A 72 -14.75 -15.46 -10.95
CA ASP A 72 -14.24 -16.83 -10.82
C ASP A 72 -13.96 -17.22 -9.37
N LEU A 73 -13.87 -16.25 -8.47
CA LEU A 73 -13.54 -16.58 -7.09
C LEU A 73 -14.77 -17.04 -6.33
N THR A 74 -14.53 -17.74 -5.22
CA THR A 74 -15.62 -18.13 -4.34
C THR A 74 -16.27 -16.90 -3.73
N LEU A 75 -17.51 -17.07 -3.26
CA LEU A 75 -18.20 -15.97 -2.60
C LEU A 75 -17.48 -15.54 -1.32
N HIS A 76 -16.85 -16.49 -0.63
CA HIS A 76 -16.07 -16.13 0.57
C HIS A 76 -14.86 -15.28 0.20
N ASP A 77 -14.19 -15.62 -0.91
CA ASP A 77 -13.02 -14.86 -1.33
C ASP A 77 -13.41 -13.48 -1.85
N GLN A 78 -14.57 -13.36 -2.49
CA GLN A 78 -15.04 -12.06 -2.94
C GLN A 78 -15.32 -11.13 -1.78
N VAL A 79 -15.96 -11.65 -0.72
CA VAL A 79 -16.24 -10.85 0.46
C VAL A 79 -14.95 -10.35 1.10
N HIS A 80 -13.96 -11.23 1.21
CA HIS A 80 -12.71 -10.85 1.86
C HIS A 80 -11.99 -9.73 1.10
N LEU A 81 -11.95 -9.82 -0.23
CA LEU A 81 -11.26 -8.81 -1.02
C LEU A 81 -11.94 -7.45 -0.88
N LEU A 82 -13.26 -7.42 -0.97
CA LEU A 82 -13.99 -6.16 -0.85
C LEU A 82 -13.92 -5.61 0.56
N GLU A 83 -14.02 -6.49 1.57
CA GLU A 83 -13.86 -6.05 2.95
C GLU A 83 -12.50 -5.41 3.17
N CYS A 84 -11.46 -5.95 2.54
CA CYS A 84 -10.12 -5.41 2.74
C CYS A 84 -9.95 -4.08 2.02
N ALA A 85 -10.46 -3.96 0.80
CA ALA A 85 -10.08 -2.84 -0.07
C ALA A 85 -11.14 -1.77 -0.25
N TRP A 86 -12.32 -1.89 0.38
CA TRP A 86 -13.44 -1.02 0.01
C TRP A 86 -13.10 0.46 0.19
N LEU A 87 -12.41 0.82 1.27
CA LEU A 87 -12.11 2.24 1.50
C LEU A 87 -10.98 2.72 0.60
N GLU A 88 -9.98 1.87 0.33
CA GLU A 88 -8.98 2.22 -0.69
C GLU A 88 -9.66 2.52 -2.02
N ILE A 89 -10.66 1.73 -2.38
CA ILE A 89 -11.34 1.88 -3.67
C ILE A 89 -12.16 3.18 -3.69
N LEU A 90 -12.85 3.49 -2.59
CA LEU A 90 -13.54 4.77 -2.51
C LEU A 90 -12.57 5.93 -2.62
N MET A 91 -11.39 5.80 -2.00
CA MET A 91 -10.44 6.91 -1.96
C MET A 91 -9.75 7.12 -3.30
N ILE A 92 -9.37 6.05 -3.98
CA ILE A 92 -8.71 6.27 -5.27
C ILE A 92 -9.68 6.87 -6.26
N GLY A 93 -10.97 6.49 -6.19
CA GLY A 93 -11.97 7.14 -7.02
C GLY A 93 -12.14 8.61 -6.68
N LEU A 94 -12.15 8.95 -5.39
CA LEU A 94 -12.24 10.35 -4.98
C LEU A 94 -11.02 11.14 -5.46
N VAL A 95 -9.84 10.56 -5.33
CA VAL A 95 -8.62 11.24 -5.76
C VAL A 95 -8.63 11.45 -7.27
N TRP A 96 -9.15 10.46 -8.01
CA TRP A 96 -9.21 10.58 -9.47
C TRP A 96 -10.13 11.70 -9.90
N ARG A 97 -11.34 11.75 -9.35
CA ARG A 97 -12.28 12.76 -9.82
C ARG A 97 -11.98 14.14 -9.25
N SER A 98 -11.04 14.24 -8.30
CA SER A 98 -10.59 15.53 -7.78
C SER A 98 -9.36 16.07 -8.51
N MET A 99 -8.83 15.32 -9.50
CA MET A 99 -7.59 15.72 -10.17
C MET A 99 -7.68 17.13 -10.74
N GLU A 100 -8.76 17.42 -11.47
CA GLU A 100 -8.94 18.70 -12.13
C GLU A 100 -9.47 19.77 -11.20
N HIS A 101 -9.41 19.58 -9.89
CA HIS A 101 -9.85 20.58 -8.91
C HIS A 101 -8.75 20.77 -7.87
N PRO A 102 -7.71 21.54 -8.22
CA PRO A 102 -6.57 21.69 -7.30
C PRO A 102 -6.99 22.28 -5.96
N GLY A 103 -6.46 21.69 -4.88
CA GLY A 103 -6.80 22.13 -3.55
C GLY A 103 -8.21 21.79 -3.10
N LYS A 104 -8.93 20.94 -3.84
CA LYS A 104 -10.30 20.61 -3.51
C LYS A 104 -10.53 19.12 -3.72
N LEU A 105 -11.44 18.56 -2.94
CA LEU A 105 -11.86 17.17 -3.06
C LEU A 105 -13.31 17.13 -3.54
N LEU A 106 -13.55 16.45 -4.66
CA LEU A 106 -14.89 16.36 -5.25
C LEU A 106 -15.53 15.06 -4.78
N PHE A 107 -16.12 15.11 -3.58
CA PHE A 107 -16.87 13.96 -3.10
C PHE A 107 -18.08 13.70 -3.99
N ALA A 108 -18.74 14.76 -4.43
CA ALA A 108 -19.86 14.69 -5.35
C ALA A 108 -19.84 15.95 -6.19
N PRO A 109 -20.51 15.95 -7.35
CA PRO A 109 -20.57 17.17 -8.15
C PRO A 109 -21.22 18.34 -7.42
N ASN A 110 -22.03 18.07 -6.41
CA ASN A 110 -22.62 19.11 -5.56
C ASN A 110 -21.98 19.17 -4.19
N LEU A 111 -20.85 18.47 -3.99
CA LEU A 111 -20.12 18.47 -2.72
C LEU A 111 -18.63 18.54 -3.05
N LEU A 112 -18.11 19.77 -3.11
CA LEU A 112 -16.73 20.05 -3.48
C LEU A 112 -16.11 20.89 -2.37
N LEU A 113 -15.19 20.29 -1.62
CA LEU A 113 -14.72 20.88 -0.37
C LEU A 113 -13.21 21.12 -0.40
N ASP A 114 -12.79 22.17 0.31
CA ASP A 114 -11.38 22.44 0.55
C ASP A 114 -10.99 22.01 1.96
N ARG A 115 -9.69 22.10 2.26
CA ARG A 115 -9.19 21.54 3.52
C ARG A 115 -9.74 22.29 4.74
N ASN A 116 -10.09 23.57 4.57
CA ASN A 116 -10.62 24.31 5.71
C ASN A 116 -12.02 23.85 6.07
N GLN A 117 -12.77 23.32 5.09
CA GLN A 117 -14.05 22.70 5.40
C GLN A 117 -13.88 21.31 6.01
N GLY A 118 -12.77 20.63 5.71
CA GLY A 118 -12.46 19.40 6.39
C GLY A 118 -12.20 19.56 7.87
N LYS A 119 -11.85 20.78 8.31
CA LYS A 119 -11.66 21.05 9.72
C LYS A 119 -12.95 20.95 10.52
N CYS A 120 -14.10 20.86 9.85
CA CYS A 120 -15.37 20.71 10.56
C CYS A 120 -15.38 19.45 11.42
N VAL A 121 -14.70 18.40 10.97
CA VAL A 121 -14.65 17.12 11.67
C VAL A 121 -13.30 16.98 12.33
N GLU A 122 -13.30 16.53 13.59
CA GLU A 122 -12.05 16.33 14.32
C GLU A 122 -11.23 15.22 13.67
N GLY A 123 -9.96 15.51 13.41
CA GLY A 123 -9.07 14.55 12.78
C GLY A 123 -9.27 14.35 11.29
N MET A 124 -10.23 15.05 10.69
CA MET A 124 -10.52 14.84 9.27
C MET A 124 -9.50 15.52 8.37
N VAL A 125 -8.98 16.68 8.78
CA VAL A 125 -8.13 17.46 7.88
C VAL A 125 -6.82 16.74 7.57
N GLU A 126 -6.35 15.87 8.47
CA GLU A 126 -5.13 15.11 8.19
C GLU A 126 -5.33 14.20 7.00
N ILE A 127 -6.45 13.45 6.98
CA ILE A 127 -6.77 12.61 5.84
C ILE A 127 -7.06 13.47 4.61
N PHE A 128 -7.73 14.61 4.81
CA PHE A 128 -7.99 15.54 3.72
C PHE A 128 -6.69 15.93 3.01
N ASP A 129 -5.66 16.29 3.79
CA ASP A 129 -4.40 16.74 3.20
C ASP A 129 -3.71 15.61 2.43
N MET A 130 -3.79 14.38 2.94
CA MET A 130 -3.18 13.27 2.23
C MET A 130 -3.91 12.99 0.92
N LEU A 131 -5.24 13.12 0.91
CA LEU A 131 -6.00 12.90 -0.31
C LEU A 131 -5.73 13.99 -1.34
N LEU A 132 -5.64 15.25 -0.88
CA LEU A 132 -5.27 16.33 -1.78
C LEU A 132 -3.88 16.12 -2.36
N ALA A 133 -2.94 15.66 -1.53
CA ALA A 133 -1.57 15.43 -2.01
C ALA A 133 -1.55 14.34 -3.07
N THR A 134 -2.30 13.25 -2.86
CA THR A 134 -2.35 12.19 -3.86
C THR A 134 -2.99 12.70 -5.15
N SER A 135 -4.01 13.54 -5.02
CA SER A 135 -4.65 14.11 -6.21
C SER A 135 -3.67 14.91 -7.05
N SER A 136 -2.88 15.76 -6.39
CA SER A 136 -1.89 16.55 -7.12
C SER A 136 -0.78 15.67 -7.69
N ARG A 137 -0.48 14.54 -7.04
CA ARG A 137 0.49 13.60 -7.59
C ARG A 137 -0.04 12.95 -8.86
N PHE A 138 -1.30 12.51 -8.86
CA PHE A 138 -1.92 12.02 -10.09
C PHE A 138 -1.90 13.08 -11.17
N ARG A 139 -2.09 14.35 -10.78
CA ARG A 139 -2.10 15.43 -11.76
C ARG A 139 -0.72 15.66 -12.36
N MET A 140 0.32 15.64 -11.52
CA MET A 140 1.68 15.81 -12.03
C MET A 140 2.09 14.66 -12.94
N MET A 141 1.58 13.45 -12.68
CA MET A 141 1.89 12.30 -13.52
C MET A 141 1.01 12.24 -14.77
N ASN A 142 0.00 13.09 -14.87
CA ASN A 142 -0.96 13.05 -15.96
C ASN A 142 -1.57 11.64 -16.08
N LEU A 143 -2.06 11.13 -14.95
CA LEU A 143 -2.69 9.82 -14.91
C LEU A 143 -3.86 9.77 -15.89
N GLN A 144 -3.91 8.72 -16.70
CA GLN A 144 -4.97 8.51 -17.68
C GLN A 144 -6.08 7.65 -17.10
N GLY A 145 -7.28 7.82 -17.66
CA GLY A 145 -8.42 7.02 -17.21
C GLY A 145 -8.21 5.54 -17.39
N GLU A 146 -7.52 5.14 -18.46
CA GLU A 146 -7.22 3.72 -18.67
C GLU A 146 -6.28 3.20 -17.59
N GLU A 147 -5.33 4.03 -17.15
CA GLU A 147 -4.43 3.63 -16.09
C GLU A 147 -5.14 3.60 -14.74
N PHE A 148 -6.06 4.57 -14.53
CA PHE A 148 -6.80 4.62 -13.27
C PHE A 148 -7.61 3.35 -13.06
N VAL A 149 -8.32 2.88 -14.09
CA VAL A 149 -9.18 1.71 -13.90
C VAL A 149 -8.34 0.45 -13.69
N CYS A 150 -7.15 0.39 -14.29
CA CYS A 150 -6.23 -0.70 -13.98
C CYS A 150 -5.80 -0.66 -12.53
N LEU A 151 -5.41 0.52 -12.03
CA LEU A 151 -4.95 0.64 -10.65
C LEU A 151 -6.05 0.29 -9.67
N LYS A 152 -7.28 0.71 -9.95
CA LYS A 152 -8.39 0.44 -9.03
C LYS A 152 -8.69 -1.05 -8.96
N SER A 153 -8.60 -1.75 -10.10
CA SER A 153 -8.81 -3.19 -10.10
C SER A 153 -7.65 -3.92 -9.41
N ILE A 154 -6.44 -3.38 -9.49
CA ILE A 154 -5.31 -3.99 -8.78
C ILE A 154 -5.53 -3.93 -7.28
N ILE A 155 -6.05 -2.80 -6.78
CA ILE A 155 -6.35 -2.69 -5.36
C ILE A 155 -7.33 -3.78 -4.93
N LEU A 156 -8.40 -3.96 -5.71
CA LEU A 156 -9.41 -4.96 -5.38
C LEU A 156 -8.80 -6.34 -5.24
N LEU A 157 -7.98 -6.75 -6.20
CA LEU A 157 -7.44 -8.10 -6.20
C LEU A 157 -6.22 -8.26 -5.31
N ASN A 158 -5.48 -7.18 -5.05
CA ASN A 158 -4.22 -7.35 -4.34
C ASN A 158 -4.33 -7.14 -2.83
N SER A 159 -5.15 -6.19 -2.38
CA SER A 159 -5.06 -5.74 -1.00
C SER A 159 -5.32 -6.86 -0.01
N GLY A 160 -6.27 -7.74 -0.29
CA GLY A 160 -6.58 -8.84 0.58
C GLY A 160 -5.99 -10.18 0.19
N VAL A 161 -5.13 -10.23 -0.83
CA VAL A 161 -4.66 -11.52 -1.34
C VAL A 161 -3.67 -12.16 -0.38
N TYR A 162 -2.96 -11.36 0.42
CA TYR A 162 -1.93 -11.89 1.29
C TYR A 162 -2.49 -12.44 2.60
N THR A 163 -3.72 -12.08 2.95
CA THR A 163 -4.34 -12.51 4.20
C THR A 163 -5.45 -13.53 3.95
N PHE A 164 -5.26 -14.41 2.96
CA PHE A 164 -6.21 -15.49 2.71
C PHE A 164 -6.14 -16.54 3.82
N GLU A 173 -3.81 -22.11 -4.67
CA GLU A 173 -4.53 -22.44 -5.89
C GLU A 173 -5.38 -21.26 -6.34
N GLU A 174 -6.32 -20.86 -5.49
CA GLU A 174 -7.09 -19.65 -5.77
C GLU A 174 -6.20 -18.41 -5.73
N LYS A 175 -5.16 -18.43 -4.88
CA LYS A 175 -4.18 -17.35 -4.89
C LYS A 175 -3.50 -17.24 -6.24
N ASP A 176 -3.15 -18.38 -6.84
CA ASP A 176 -2.45 -18.37 -8.12
C ASP A 176 -3.31 -17.72 -9.21
N HIS A 177 -4.63 -17.96 -9.17
CA HIS A 177 -5.52 -17.36 -10.16
C HIS A 177 -5.53 -15.83 -10.04
N ILE A 178 -5.63 -15.33 -8.80
CA ILE A 178 -5.65 -13.89 -8.59
C ILE A 178 -4.36 -13.25 -9.07
N HIS A 179 -3.23 -13.91 -8.83
CA HIS A 179 -1.96 -13.35 -9.28
C HIS A 179 -1.79 -13.46 -10.79
N ARG A 180 -2.39 -14.48 -11.42
CA ARG A 180 -2.40 -14.53 -12.87
C ARG A 180 -3.21 -13.37 -13.46
N VAL A 181 -4.34 -13.04 -12.82
CA VAL A 181 -5.12 -11.89 -13.27
C VAL A 181 -4.35 -10.59 -13.01
N LEU A 182 -3.70 -10.50 -11.85
CA LEU A 182 -2.88 -9.32 -11.56
C LEU A 182 -1.77 -9.16 -12.59
N ASP A 183 -1.13 -10.26 -12.99
CA ASP A 183 -0.11 -10.19 -14.04
C ASP A 183 -0.70 -9.68 -15.35
N LYS A 184 -1.94 -10.09 -15.67
CA LYS A 184 -2.59 -9.61 -16.88
C LYS A 184 -2.83 -8.11 -16.82
N ILE A 185 -3.21 -7.59 -15.65
CA ILE A 185 -3.37 -6.14 -15.53
C ILE A 185 -2.01 -5.45 -15.63
N THR A 186 -0.94 -6.08 -15.14
CA THR A 186 0.40 -5.55 -15.36
C THR A 186 0.71 -5.46 -16.85
N ASP A 187 0.44 -6.54 -17.58
CA ASP A 187 0.61 -6.53 -19.04
C ASP A 187 -0.18 -5.40 -19.66
N THR A 188 -1.42 -5.18 -19.19
CA THR A 188 -2.28 -4.15 -19.75
C THR A 188 -1.72 -2.76 -19.49
N LEU A 189 -1.20 -2.51 -18.29
CA LEU A 189 -0.64 -1.21 -17.97
C LEU A 189 0.56 -0.90 -18.87
N ILE A 190 1.46 -1.87 -19.05
CA ILE A 190 2.61 -1.66 -19.91
C ILE A 190 2.16 -1.41 -21.34
N HIS A 191 1.17 -2.18 -21.80
CA HIS A 191 0.64 -1.99 -23.16
C HIS A 191 0.12 -0.57 -23.36
N LEU A 192 -0.58 -0.02 -22.35
CA LEU A 192 -1.08 1.34 -22.46
C LEU A 192 0.06 2.35 -22.54
N MET A 193 1.11 2.14 -21.73
CA MET A 193 2.22 3.07 -21.72
C MET A 193 3.00 3.02 -23.03
N ALA A 194 3.14 1.83 -23.62
CA ALA A 194 3.83 1.72 -24.90
C ALA A 194 3.01 2.34 -26.03
N LYS A 195 1.71 2.05 -26.06
CA LYS A 195 0.85 2.66 -27.07
C LYS A 195 0.85 4.19 -26.95
N ALA A 196 1.06 4.70 -25.75
CA ALA A 196 1.18 6.15 -25.53
C ALA A 196 2.54 6.71 -25.93
N GLY A 197 3.47 5.86 -26.35
CA GLY A 197 4.76 6.32 -26.83
C GLY A 197 5.86 6.42 -25.81
N LEU A 198 5.66 5.88 -24.61
CA LEU A 198 6.74 5.90 -23.62
C LEU A 198 7.82 4.90 -24.02
N THR A 199 9.08 5.25 -23.75
CA THR A 199 10.17 4.34 -24.02
C THR A 199 10.12 3.14 -23.07
N LEU A 200 10.87 2.11 -23.42
CA LEU A 200 10.84 0.88 -22.62
C LEU A 200 11.31 1.14 -21.20
N GLN A 201 12.30 2.03 -21.03
CA GLN A 201 12.74 2.39 -19.68
C GLN A 201 11.68 3.24 -18.97
N GLN A 202 11.04 4.16 -19.70
CA GLN A 202 9.96 4.96 -19.12
C GLN A 202 8.78 4.10 -18.71
N GLN A 203 8.58 2.97 -19.39
CA GLN A 203 7.45 2.11 -19.05
C GLN A 203 7.59 1.49 -17.67
N HIS A 204 8.75 0.91 -17.37
CA HIS A 204 8.91 0.29 -16.06
C HIS A 204 9.07 1.34 -14.97
N GLN A 205 9.60 2.51 -15.30
CA GLN A 205 9.69 3.60 -14.32
C GLN A 205 8.31 4.11 -13.94
N ARG A 206 7.42 4.29 -14.93
CA ARG A 206 6.08 4.78 -14.63
C ARG A 206 5.24 3.70 -13.95
N LEU A 207 5.41 2.43 -14.36
CA LEU A 207 4.74 1.33 -13.68
C LEU A 207 5.08 1.33 -12.19
N ALA A 208 6.37 1.49 -11.87
CA ALA A 208 6.77 1.53 -10.47
C ALA A 208 6.15 2.73 -9.76
N GLN A 209 6.19 3.90 -10.39
CA GLN A 209 5.62 5.10 -9.77
C GLN A 209 4.15 4.92 -9.44
N LEU A 210 3.38 4.34 -10.37
CA LEU A 210 1.95 4.16 -10.13
C LEU A 210 1.69 3.15 -9.02
N LEU A 211 2.49 2.09 -8.96
CA LEU A 211 2.26 1.06 -7.95
C LEU A 211 2.70 1.50 -6.56
N LEU A 212 3.73 2.36 -6.47
CA LEU A 212 4.14 2.87 -5.17
C LEU A 212 3.08 3.78 -4.58
N ILE A 213 2.29 4.46 -5.43
CA ILE A 213 1.19 5.28 -4.92
C ILE A 213 0.17 4.41 -4.20
N LEU A 214 0.05 3.14 -4.60
CA LEU A 214 -0.91 2.26 -3.95
C LEU A 214 -0.56 2.02 -2.48
N SER A 215 0.72 2.15 -2.12
CA SER A 215 1.07 2.06 -0.71
C SER A 215 0.59 3.28 0.07
N HIS A 216 0.61 4.45 -0.57
CA HIS A 216 0.04 5.65 0.05
C HIS A 216 -1.46 5.53 0.19
N ILE A 217 -2.12 4.92 -0.80
CA ILE A 217 -3.56 4.74 -0.73
C ILE A 217 -3.92 3.78 0.39
N ARG A 218 -3.16 2.68 0.53
CA ARG A 218 -3.35 1.81 1.68
C ARG A 218 -3.16 2.57 2.98
N HIS A 219 -2.12 3.40 3.06
CA HIS A 219 -1.87 4.20 4.26
C HIS A 219 -3.07 5.09 4.59
N MET A 220 -3.61 5.78 3.58
CA MET A 220 -4.75 6.66 3.81
C MET A 220 -5.98 5.86 4.21
N SER A 221 -6.19 4.69 3.61
CA SER A 221 -7.32 3.85 4.00
C SER A 221 -7.26 3.45 5.45
N ASN A 222 -6.07 3.07 5.94
CA ASN A 222 -5.93 2.64 7.33
C ASN A 222 -6.12 3.80 8.30
N LYS A 223 -5.59 4.99 7.96
CA LYS A 223 -5.87 6.16 8.77
C LYS A 223 -7.35 6.53 8.71
N GLY A 224 -7.97 6.39 7.54
CA GLY A 224 -9.39 6.66 7.42
C GLY A 224 -10.25 5.66 8.18
N MET A 225 -9.80 4.40 8.26
CA MET A 225 -10.53 3.42 9.05
C MET A 225 -10.44 3.74 10.54
N GLU A 226 -9.28 4.23 11.00
CA GLU A 226 -9.16 4.69 12.36
C GLU A 226 -10.12 5.83 12.65
N HIS A 227 -10.23 6.78 11.72
CA HIS A 227 -11.10 7.94 11.93
C HIS A 227 -12.57 7.53 11.94
N LEU A 228 -12.97 6.66 11.00
CA LEU A 228 -14.34 6.17 10.98
C LEU A 228 -14.68 5.41 12.26
N TYR A 229 -13.74 4.63 12.78
CA TYR A 229 -13.97 3.90 14.02
C TYR A 229 -14.15 4.85 15.20
N SER A 230 -13.41 5.97 15.21
CA SER A 230 -13.57 6.93 16.29
C SER A 230 -14.90 7.66 16.18
N MET A 231 -15.35 7.96 14.95
CA MET A 231 -16.65 8.59 14.77
C MET A 231 -17.78 7.68 15.25
N LYS A 232 -17.68 6.38 14.96
CA LYS A 232 -18.67 5.43 15.47
C LYS A 232 -18.64 5.36 16.99
N CYS A 233 -17.44 5.25 17.56
CA CYS A 233 -17.32 5.07 19.01
C CYS A 233 -17.65 6.34 19.79
N LYS A 234 -17.88 7.47 19.11
CA LYS A 234 -18.27 8.71 19.78
C LYS A 234 -19.66 9.17 19.37
N ASN A 235 -20.43 8.33 18.66
CA ASN A 235 -21.82 8.61 18.30
C ASN A 235 -21.96 9.92 17.54
N VAL A 236 -21.00 10.21 16.65
CA VAL A 236 -21.09 11.40 15.82
C VAL A 236 -22.17 11.22 14.75
N VAL A 237 -22.17 10.07 14.10
CA VAL A 237 -23.12 9.78 13.03
C VAL A 237 -23.56 8.34 13.11
N PRO A 238 -24.80 8.05 12.70
CA PRO A 238 -25.26 6.66 12.62
C PRO A 238 -24.79 6.03 11.32
N LEU A 239 -23.98 4.97 11.44
CA LEU A 239 -23.49 4.25 10.27
C LEU A 239 -24.51 3.21 9.84
N SER A 240 -24.61 2.99 8.53
CA SER A 240 -25.47 1.94 8.01
C SER A 240 -24.93 0.58 8.45
N ASP A 241 -25.83 -0.41 8.44
CA ASP A 241 -25.43 -1.76 8.82
C ASP A 241 -24.34 -2.29 7.89
N LEU A 242 -24.44 -2.01 6.60
CA LEU A 242 -23.39 -2.38 5.67
C LEU A 242 -22.08 -1.71 6.05
N LEU A 243 -22.11 -0.40 6.32
CA LEU A 243 -20.91 0.32 6.69
C LEU A 243 -20.35 -0.20 8.02
N LEU A 244 -21.24 -0.50 8.97
CA LEU A 244 -20.81 -1.09 10.23
C LEU A 244 -20.11 -2.43 10.01
N GLU A 245 -20.60 -3.23 9.06
CA GLU A 245 -19.99 -4.53 8.79
C GLU A 245 -18.66 -4.37 8.07
N MET A 246 -18.57 -3.42 7.14
CA MET A 246 -17.31 -3.18 6.44
C MET A 246 -16.26 -2.64 7.41
N LEU A 247 -16.68 -1.81 8.36
CA LEU A 247 -15.75 -1.28 9.35
C LEU A 247 -15.33 -2.36 10.34
N ASP A 248 -16.27 -3.22 10.74
CA ASP A 248 -15.97 -4.25 11.72
C ASP A 248 -14.95 -5.26 11.19
N ALA A 249 -14.90 -5.45 9.87
CA ALA A 249 -13.94 -6.38 9.27
C ALA A 249 -12.50 -5.95 9.49
N HIS A 250 -12.26 -4.66 9.73
CA HIS A 250 -10.93 -4.15 10.03
C HIS A 250 -10.66 -4.01 11.52
N ARG A 251 -11.58 -4.47 12.37
CA ARG A 251 -11.38 -4.41 13.81
C ARG A 251 -11.54 -5.81 14.41
N SER B 8 26.24 15.03 -6.85
CA SER B 8 25.03 14.23 -6.93
C SER B 8 25.34 12.79 -7.33
N LEU B 9 26.32 12.19 -6.65
CA LEU B 9 26.77 10.85 -6.97
C LEU B 9 25.75 9.80 -6.55
N ALA B 10 24.53 9.91 -7.06
CA ALA B 10 23.51 8.89 -6.84
C ALA B 10 22.82 8.59 -8.15
N LEU B 11 22.69 9.61 -9.00
CA LEU B 11 22.14 9.44 -10.33
C LEU B 11 23.17 8.90 -11.32
N SER B 12 24.46 9.06 -11.03
CA SER B 12 25.53 8.62 -11.93
C SER B 12 26.00 7.20 -11.66
N LEU B 13 25.48 6.57 -10.61
CA LEU B 13 25.85 5.19 -10.31
C LEU B 13 25.26 4.24 -11.34
N THR B 14 26.03 3.21 -11.69
CA THR B 14 25.49 2.16 -12.55
C THR B 14 24.58 1.26 -11.75
N ALA B 15 23.86 0.39 -12.46
CA ALA B 15 22.96 -0.55 -11.79
C ALA B 15 23.75 -1.48 -10.87
N ASP B 16 24.87 -2.03 -11.35
CA ASP B 16 25.67 -2.91 -10.51
C ASP B 16 26.31 -2.17 -9.36
N GLN B 17 26.67 -0.89 -9.55
CA GLN B 17 27.19 -0.10 -8.44
C GLN B 17 26.12 0.13 -7.39
N MET B 18 24.87 0.37 -7.82
CA MET B 18 23.78 0.53 -6.86
C MET B 18 23.63 -0.71 -6.00
N VAL B 19 23.70 -1.90 -6.62
CA VAL B 19 23.54 -3.15 -5.88
C VAL B 19 24.64 -3.28 -4.83
N SER B 20 25.89 -3.15 -5.24
CA SER B 20 27.00 -3.36 -4.31
C SER B 20 26.99 -2.32 -3.20
N ALA B 21 26.62 -1.08 -3.52
CA ALA B 21 26.50 -0.05 -2.49
C ALA B 21 25.44 -0.42 -1.46
N LEU B 22 24.28 -0.89 -1.91
CA LEU B 22 23.23 -1.27 -0.97
C LEU B 22 23.60 -2.53 -0.20
N LEU B 23 24.27 -3.48 -0.85
CA LEU B 23 24.72 -4.68 -0.16
C LEU B 23 25.76 -4.35 0.89
N ASP B 24 26.69 -3.44 0.58
CA ASP B 24 27.71 -3.06 1.56
C ASP B 24 27.10 -2.33 2.75
N ALA B 25 26.02 -1.60 2.54
CA ALA B 25 25.39 -0.82 3.60
C ALA B 25 24.47 -1.65 4.49
N GLU B 26 24.37 -2.95 4.24
CA GLU B 26 23.43 -3.78 4.97
C GLU B 26 23.77 -3.79 6.46
N PRO B 27 22.78 -3.64 7.34
CA PRO B 27 23.04 -3.72 8.77
C PRO B 27 23.30 -5.15 9.20
N PRO B 28 23.89 -5.36 10.36
CA PRO B 28 24.11 -6.73 10.85
C PRO B 28 22.85 -7.32 11.45
N ILE B 29 22.93 -8.62 11.74
CA ILE B 29 21.85 -9.35 12.39
C ILE B 29 22.14 -9.36 13.88
N LEU B 30 21.35 -8.62 14.66
CA LEU B 30 21.57 -8.49 16.08
C LEU B 30 20.94 -9.66 16.84
N TYR B 31 21.46 -9.89 18.04
CA TYR B 31 20.92 -10.88 18.95
C TYR B 31 20.01 -10.23 19.98
N SER B 32 19.06 -11.00 20.49
CA SER B 32 18.21 -10.51 21.56
C SER B 32 18.78 -10.93 22.91
N GLU B 33 18.38 -10.20 23.94
CA GLU B 33 18.82 -10.46 25.32
C GLU B 33 17.94 -11.55 25.95
N TYR B 34 17.88 -12.67 25.26
CA TYR B 34 17.02 -13.78 25.65
C TYR B 34 17.84 -15.07 25.79
N SER B 41 5.68 -14.14 28.96
CA SER B 41 4.50 -13.34 29.32
C SER B 41 4.31 -12.19 28.34
N GLU B 42 3.23 -11.43 28.53
CA GLU B 42 2.98 -10.26 27.69
C GLU B 42 4.02 -9.17 27.90
N ALA B 43 4.69 -9.15 29.06
CA ALA B 43 5.69 -8.13 29.33
C ALA B 43 7.10 -8.59 29.00
N SER B 44 7.39 -9.88 29.14
CA SER B 44 8.74 -10.37 28.83
C SER B 44 9.03 -10.32 27.34
N MET B 45 8.07 -10.77 26.52
CA MET B 45 8.31 -10.79 25.08
C MET B 45 8.33 -9.38 24.49
N MET B 46 7.41 -8.53 24.92
CA MET B 46 7.44 -7.13 24.48
C MET B 46 8.74 -6.45 24.90
N GLY B 47 9.29 -6.84 26.04
CA GLY B 47 10.58 -6.28 26.46
C GLY B 47 11.70 -6.67 25.52
N LEU B 48 11.71 -7.92 25.07
CA LEU B 48 12.76 -8.38 24.16
C LEU B 48 12.60 -7.74 22.78
N LEU B 49 11.37 -7.66 22.28
CA LEU B 49 11.15 -7.04 20.97
C LEU B 49 11.44 -5.55 21.01
N THR B 50 11.07 -4.87 22.09
CA THR B 50 11.39 -3.45 22.23
C THR B 50 12.89 -3.24 22.29
N ASN B 51 13.59 -4.01 23.13
CA ASN B 51 15.04 -3.88 23.25
C ASN B 51 15.73 -4.19 21.92
N LEU B 52 15.21 -5.18 21.19
CA LEU B 52 15.79 -5.53 19.89
C LEU B 52 15.57 -4.41 18.88
N ALA B 53 14.34 -3.91 18.78
CA ALA B 53 14.03 -2.88 17.80
C ALA B 53 14.81 -1.60 18.06
N ASP B 54 15.02 -1.26 19.33
CA ASP B 54 15.77 -0.05 19.66
C ASP B 54 17.21 -0.14 19.15
N ARG B 55 17.85 -1.30 19.34
CA ARG B 55 19.21 -1.44 18.85
C ARG B 55 19.24 -1.51 17.33
N GLU B 56 18.23 -2.12 16.70
CA GLU B 56 18.17 -2.14 15.25
C GLU B 56 18.04 -0.73 14.68
N LEU B 57 17.29 0.14 15.36
CA LEU B 57 17.07 1.49 14.85
C LEU B 57 18.38 2.25 14.72
N VAL B 58 19.29 2.08 15.69
CA VAL B 58 20.59 2.75 15.60
C VAL B 58 21.31 2.34 14.34
N HIS B 59 21.31 1.03 14.04
CA HIS B 59 21.93 0.58 12.79
C HIS B 59 21.15 1.04 11.57
N MET B 60 19.82 1.12 11.67
CA MET B 60 19.02 1.57 10.54
C MET B 60 19.37 3.00 10.14
N ILE B 61 19.58 3.87 11.13
CA ILE B 61 19.92 5.26 10.83
C ILE B 61 21.24 5.35 10.10
N ASN B 62 22.21 4.53 10.49
CA ASN B 62 23.49 4.52 9.79
C ASN B 62 23.36 3.86 8.42
N TRP B 63 22.49 2.84 8.30
CA TRP B 63 22.22 2.27 6.98
C TRP B 63 21.56 3.29 6.06
N ALA B 64 20.60 4.06 6.59
CA ALA B 64 19.90 5.04 5.77
C ALA B 64 20.87 6.08 5.23
N LYS B 65 21.84 6.50 6.05
CA LYS B 65 22.83 7.48 5.60
C LYS B 65 23.71 6.93 4.47
N ARG B 66 23.70 5.63 4.23
CA ARG B 66 24.47 5.01 3.16
C ARG B 66 23.62 4.62 1.95
N VAL B 67 22.32 4.86 2.00
CA VAL B 67 21.45 4.65 0.84
C VAL B 67 21.69 5.81 -0.13
N PRO B 68 22.07 5.53 -1.38
CA PRO B 68 22.46 6.61 -2.29
C PRO B 68 21.33 7.61 -2.49
N GLY B 69 21.66 8.90 -2.28
CA GLY B 69 20.71 9.98 -2.42
C GLY B 69 20.07 10.42 -1.12
N PHE B 70 20.25 9.67 -0.03
CA PHE B 70 19.58 10.02 1.22
C PHE B 70 20.24 11.23 1.87
N VAL B 71 21.57 11.27 1.91
CA VAL B 71 22.26 12.38 2.57
C VAL B 71 22.11 13.68 1.79
N ASP B 72 21.73 13.62 0.52
CA ASP B 72 21.49 14.83 -0.25
C ASP B 72 20.28 15.61 0.26
N LEU B 73 19.39 14.94 0.99
CA LEU B 73 18.19 15.58 1.53
C LEU B 73 18.55 16.40 2.77
N THR B 74 17.69 17.38 3.06
CA THR B 74 17.81 18.11 4.30
C THR B 74 17.62 17.18 5.49
N LEU B 75 18.20 17.55 6.63
CA LEU B 75 18.03 16.75 7.83
C LEU B 75 16.57 16.61 8.22
N HIS B 76 15.75 17.63 7.92
CA HIS B 76 14.32 17.55 8.20
C HIS B 76 13.67 16.45 7.38
N ASP B 77 14.00 16.35 6.09
CA ASP B 77 13.40 15.31 5.25
C ASP B 77 13.93 13.93 5.64
N GLN B 78 15.21 13.84 6.01
CA GLN B 78 15.75 12.58 6.47
C GLN B 78 15.02 12.09 7.72
N VAL B 79 14.76 13.00 8.66
CA VAL B 79 14.03 12.64 9.87
C VAL B 79 12.62 12.15 9.51
N HIS B 80 11.94 12.89 8.63
CA HIS B 80 10.57 12.55 8.28
C HIS B 80 10.48 11.18 7.61
N LEU B 81 11.44 10.88 6.71
CA LEU B 81 11.41 9.59 6.03
C LEU B 81 11.62 8.44 7.01
N LEU B 82 12.56 8.58 7.93
CA LEU B 82 12.81 7.51 8.89
C LEU B 82 11.67 7.39 9.91
N GLU B 83 11.08 8.52 10.32
CA GLU B 83 9.92 8.46 11.19
C GLU B 83 8.78 7.68 10.54
N CYS B 84 8.54 7.90 9.26
CA CYS B 84 7.43 7.23 8.60
C CYS B 84 7.72 5.77 8.29
N ALA B 85 8.98 5.43 8.00
CA ALA B 85 9.30 4.13 7.41
C ALA B 85 9.91 3.12 8.37
N TRP B 86 10.25 3.51 9.61
CA TRP B 86 11.12 2.68 10.43
C TRP B 86 10.51 1.31 10.72
N LEU B 87 9.21 1.25 10.97
CA LEU B 87 8.60 -0.03 11.29
C LEU B 87 8.48 -0.92 10.05
N GLU B 88 8.17 -0.31 8.90
CA GLU B 88 8.20 -1.05 7.63
C GLU B 88 9.57 -1.67 7.40
N ILE B 89 10.62 -0.90 7.65
CA ILE B 89 11.99 -1.38 7.40
C ILE B 89 12.33 -2.51 8.36
N LEU B 90 11.92 -2.39 9.63
CA LEU B 90 12.12 -3.48 10.57
C LEU B 90 11.35 -4.73 10.14
N MET B 91 10.14 -4.53 9.60
CA MET B 91 9.28 -5.66 9.24
C MET B 91 9.80 -6.38 8.00
N ILE B 92 10.20 -5.64 6.96
CA ILE B 92 10.71 -6.33 5.79
C ILE B 92 12.03 -7.01 6.13
N GLY B 93 12.80 -6.45 7.06
CA GLY B 93 13.99 -7.15 7.53
C GLY B 93 13.64 -8.47 8.21
N LEU B 94 12.67 -8.44 9.12
CA LEU B 94 12.23 -9.64 9.81
C LEU B 94 11.69 -10.68 8.83
N VAL B 95 10.92 -10.22 7.85
CA VAL B 95 10.34 -11.13 6.86
C VAL B 95 11.43 -11.78 6.01
N TRP B 96 12.44 -10.99 5.62
CA TRP B 96 13.53 -11.51 4.80
C TRP B 96 14.30 -12.61 5.51
N ARG B 97 14.76 -12.35 6.74
CA ARG B 97 15.54 -13.38 7.42
C ARG B 97 14.70 -14.54 7.92
N SER B 98 13.37 -14.45 7.83
CA SER B 98 12.48 -15.54 8.15
C SER B 98 12.11 -16.38 6.94
N MET B 99 12.66 -16.09 5.76
CA MET B 99 12.24 -16.77 4.54
C MET B 99 12.47 -18.27 4.65
N GLU B 100 13.65 -18.68 5.11
CA GLU B 100 14.00 -20.09 5.19
C GLU B 100 13.50 -20.76 6.47
N HIS B 101 12.51 -20.17 7.14
CA HIS B 101 11.91 -20.73 8.34
C HIS B 101 10.39 -20.65 8.19
N PRO B 102 9.78 -21.58 7.45
CA PRO B 102 8.33 -21.52 7.25
C PRO B 102 7.59 -21.61 8.56
N GLY B 103 6.56 -20.78 8.70
CA GLY B 103 5.76 -20.74 9.91
C GLY B 103 6.44 -20.15 11.12
N LYS B 104 7.67 -19.65 10.97
CA LYS B 104 8.42 -19.08 12.08
C LYS B 104 8.91 -17.69 11.71
N LEU B 105 9.05 -16.84 12.72
CA LEU B 105 9.62 -15.50 12.56
C LEU B 105 10.96 -15.44 13.28
N LEU B 106 12.02 -15.17 12.52
CA LEU B 106 13.37 -15.12 13.08
C LEU B 106 13.69 -13.67 13.47
N PHE B 107 13.14 -13.27 14.62
CA PHE B 107 13.46 -11.94 15.15
C PHE B 107 14.95 -11.82 15.40
N ALA B 108 15.58 -12.91 15.85
CA ALA B 108 17.01 -12.97 16.08
C ALA B 108 17.43 -14.43 15.95
N PRO B 109 18.72 -14.71 15.70
CA PRO B 109 19.17 -16.10 15.63
C PRO B 109 18.80 -16.91 16.86
N ASN B 110 18.78 -16.28 18.03
CA ASN B 110 18.41 -16.96 19.27
C ASN B 110 16.97 -16.69 19.68
N LEU B 111 16.19 -16.02 18.83
CA LEU B 111 14.78 -15.72 19.10
C LEU B 111 13.99 -16.05 17.84
N LEU B 112 13.72 -17.34 17.65
CA LEU B 112 12.93 -17.83 16.52
C LEU B 112 11.56 -18.20 17.07
N LEU B 113 10.56 -17.36 16.79
CA LEU B 113 9.23 -17.52 17.33
C LEU B 113 8.27 -18.02 16.27
N ASP B 114 7.25 -18.77 16.72
CA ASP B 114 6.22 -19.28 15.83
C ASP B 114 4.93 -18.48 16.04
N ARG B 115 3.88 -18.91 15.35
CA ARG B 115 2.62 -18.17 15.38
C ARG B 115 2.01 -18.19 16.78
N ASN B 116 2.03 -19.35 17.44
CA ASN B 116 1.37 -19.46 18.75
C ASN B 116 2.02 -18.55 19.78
N GLN B 117 3.34 -18.36 19.71
CA GLN B 117 4.01 -17.47 20.65
C GLN B 117 3.68 -16.01 20.43
N GLY B 118 2.94 -15.69 19.37
CA GLY B 118 2.41 -14.36 19.15
C GLY B 118 1.07 -14.10 19.80
N LYS B 119 0.52 -15.09 20.49
CA LYS B 119 -0.72 -14.91 21.23
C LYS B 119 -0.51 -14.42 22.66
N CYS B 120 0.75 -14.37 23.12
CA CYS B 120 1.02 -13.86 24.47
C CYS B 120 0.65 -12.39 24.61
N VAL B 121 0.73 -11.63 23.52
CA VAL B 121 0.34 -10.23 23.49
C VAL B 121 -0.95 -10.12 22.68
N GLU B 122 -1.93 -9.40 23.22
CA GLU B 122 -3.21 -9.25 22.53
C GLU B 122 -3.03 -8.49 21.22
N GLY B 123 -3.71 -8.95 20.18
CA GLY B 123 -3.60 -8.35 18.87
C GLY B 123 -2.30 -8.63 18.14
N MET B 124 -1.33 -9.28 18.78
CA MET B 124 -0.05 -9.57 18.16
C MET B 124 -0.15 -10.68 17.12
N VAL B 125 -1.03 -11.66 17.34
CA VAL B 125 -1.07 -12.84 16.47
C VAL B 125 -1.56 -12.47 15.07
N GLU B 126 -2.48 -11.51 14.96
CA GLU B 126 -2.95 -11.08 13.64
C GLU B 126 -1.80 -10.52 12.81
N ILE B 127 -0.95 -9.70 13.43
CA ILE B 127 0.20 -9.16 12.71
C ILE B 127 1.24 -10.25 12.47
N PHE B 128 1.40 -11.17 13.43
CA PHE B 128 2.27 -12.32 13.20
C PHE B 128 1.85 -13.07 11.95
N ASP B 129 0.55 -13.32 11.78
CA ASP B 129 0.06 -14.03 10.61
C ASP B 129 0.37 -13.27 9.32
N MET B 130 0.20 -11.94 9.35
CA MET B 130 0.48 -11.15 8.16
C MET B 130 1.97 -11.18 7.81
N LEU B 131 2.83 -11.14 8.83
CA LEU B 131 4.27 -11.22 8.57
C LEU B 131 4.65 -12.59 8.01
N LEU B 132 4.08 -13.66 8.57
CA LEU B 132 4.36 -15.00 8.05
C LEU B 132 3.86 -15.14 6.62
N ALA B 133 2.72 -14.55 6.30
CA ALA B 133 2.22 -14.60 4.93
C ALA B 133 3.14 -13.84 3.98
N THR B 134 3.73 -12.74 4.45
CA THR B 134 4.70 -12.01 3.62
C THR B 134 5.95 -12.86 3.38
N SER B 135 6.41 -13.56 4.41
CA SER B 135 7.60 -14.42 4.26
C SER B 135 7.31 -15.55 3.28
N SER B 136 6.13 -16.18 3.39
CA SER B 136 5.75 -17.21 2.45
C SER B 136 5.67 -16.67 1.02
N ARG B 137 5.18 -15.44 0.87
CA ARG B 137 5.12 -14.82 -0.45
C ARG B 137 6.53 -14.62 -1.03
N PHE B 138 7.45 -14.07 -0.23
CA PHE B 138 8.82 -13.92 -0.67
C PHE B 138 9.44 -15.26 -1.02
N ARG B 139 9.16 -16.29 -0.22
CA ARG B 139 9.71 -17.62 -0.47
C ARG B 139 9.18 -18.19 -1.79
N MET B 140 7.89 -18.00 -2.06
CA MET B 140 7.32 -18.50 -3.30
C MET B 140 7.86 -17.75 -4.51
N MET B 141 8.18 -16.47 -4.37
CA MET B 141 8.78 -15.70 -5.46
C MET B 141 10.28 -15.93 -5.58
N ASN B 142 10.88 -16.67 -4.66
CA ASN B 142 12.34 -16.81 -4.57
C ASN B 142 13.01 -15.43 -4.62
N LEU B 143 12.54 -14.54 -3.75
CA LEU B 143 13.12 -13.21 -3.65
C LEU B 143 14.63 -13.31 -3.40
N GLN B 144 15.40 -12.60 -4.22
CA GLN B 144 16.85 -12.58 -4.11
C GLN B 144 17.31 -11.46 -3.16
N GLY B 145 18.51 -11.64 -2.62
CA GLY B 145 19.05 -10.65 -1.70
C GLY B 145 19.28 -9.30 -2.35
N GLU B 146 19.69 -9.30 -3.62
CA GLU B 146 19.88 -8.04 -4.34
C GLU B 146 18.55 -7.32 -4.52
N GLU B 147 17.46 -8.08 -4.74
CA GLU B 147 16.14 -7.47 -4.83
C GLU B 147 15.68 -6.95 -3.47
N PHE B 148 15.97 -7.69 -2.40
CA PHE B 148 15.55 -7.29 -1.06
C PHE B 148 16.09 -5.91 -0.69
N VAL B 149 17.37 -5.67 -0.95
CA VAL B 149 17.95 -4.39 -0.53
C VAL B 149 17.38 -3.24 -1.35
N CYS B 150 17.05 -3.50 -2.62
CA CYS B 150 16.37 -2.48 -3.43
C CYS B 150 15.01 -2.14 -2.84
N LEU B 151 14.21 -3.17 -2.53
CA LEU B 151 12.88 -2.94 -1.97
C LEU B 151 12.94 -2.15 -0.67
N LYS B 152 13.92 -2.47 0.17
CA LYS B 152 14.03 -1.79 1.47
C LYS B 152 14.42 -0.32 1.30
N SER B 153 15.23 -0.01 0.28
CA SER B 153 15.55 1.38 0.00
C SER B 153 14.38 2.13 -0.60
N ILE B 154 13.55 1.44 -1.39
CA ILE B 154 12.32 2.03 -1.90
C ILE B 154 11.39 2.41 -0.76
N ILE B 155 11.24 1.51 0.22
CA ILE B 155 10.39 1.79 1.38
C ILE B 155 10.86 3.06 2.08
N LEU B 156 12.17 3.19 2.29
CA LEU B 156 12.72 4.38 2.95
C LEU B 156 12.36 5.64 2.21
N LEU B 157 12.56 5.65 0.88
CA LEU B 157 12.39 6.87 0.11
C LEU B 157 10.92 7.13 -0.24
N ASN B 158 10.10 6.09 -0.31
CA ASN B 158 8.72 6.27 -0.75
C ASN B 158 7.74 6.52 0.39
N SER B 159 8.00 5.99 1.58
CA SER B 159 6.92 5.97 2.58
C SER B 159 6.63 7.33 3.19
N GLY B 160 7.40 8.36 2.86
CA GLY B 160 7.13 9.69 3.38
C GLY B 160 7.13 10.77 2.32
N VAL B 161 7.47 10.40 1.08
CA VAL B 161 7.53 11.35 -0.02
C VAL B 161 6.13 11.90 -0.31
N GLU B 173 11.92 20.21 -6.71
CA GLU B 173 13.35 20.18 -6.48
C GLU B 173 13.74 19.01 -5.57
N GLU B 174 13.29 19.07 -4.32
CA GLU B 174 13.61 18.01 -3.37
C GLU B 174 12.74 16.77 -3.59
N LYS B 175 11.46 16.97 -3.91
CA LYS B 175 10.60 15.83 -4.21
C LYS B 175 11.00 15.19 -5.54
N ASP B 176 11.44 15.99 -6.51
CA ASP B 176 11.87 15.43 -7.79
C ASP B 176 13.13 14.59 -7.62
N HIS B 177 14.08 15.05 -6.77
CA HIS B 177 15.30 14.29 -6.55
C HIS B 177 15.00 12.93 -5.91
N ILE B 178 14.02 12.89 -5.00
CA ILE B 178 13.62 11.61 -4.40
C ILE B 178 13.06 10.68 -5.47
N HIS B 179 12.25 11.22 -6.38
CA HIS B 179 11.70 10.40 -7.46
C HIS B 179 12.77 10.01 -8.48
N ARG B 180 13.80 10.84 -8.64
CA ARG B 180 14.91 10.46 -9.51
C ARG B 180 15.66 9.25 -8.96
N VAL B 181 15.93 9.25 -7.64
CA VAL B 181 16.60 8.10 -7.03
C VAL B 181 15.69 6.87 -7.09
N LEU B 182 14.39 7.07 -6.87
CA LEU B 182 13.46 5.94 -6.92
C LEU B 182 13.44 5.32 -8.32
N ASP B 183 13.49 6.15 -9.37
CA ASP B 183 13.57 5.62 -10.72
C ASP B 183 14.86 4.82 -10.93
N LYS B 184 15.96 5.28 -10.33
CA LYS B 184 17.22 4.56 -10.44
C LYS B 184 17.14 3.19 -9.77
N ILE B 185 16.44 3.11 -8.64
CA ILE B 185 16.27 1.82 -7.98
C ILE B 185 15.37 0.91 -8.80
N THR B 186 14.36 1.48 -9.46
CA THR B 186 13.56 0.70 -10.40
C THR B 186 14.42 0.15 -11.52
N ASP B 187 15.25 1.01 -12.11
CA ASP B 187 16.19 0.56 -13.14
C ASP B 187 17.08 -0.56 -12.62
N THR B 188 17.48 -0.48 -11.34
CA THR B 188 18.34 -1.51 -10.75
C THR B 188 17.60 -2.84 -10.61
N LEU B 189 16.34 -2.80 -10.17
CA LEU B 189 15.54 -4.01 -10.06
C LEU B 189 15.34 -4.68 -11.43
N ILE B 190 15.02 -3.87 -12.44
CA ILE B 190 14.90 -4.41 -13.79
C ILE B 190 16.23 -4.96 -14.28
N HIS B 191 17.33 -4.30 -13.93
CA HIS B 191 18.65 -4.79 -14.31
C HIS B 191 18.92 -6.16 -13.70
N LEU B 192 18.58 -6.34 -12.42
CA LEU B 192 18.77 -7.63 -11.77
C LEU B 192 17.93 -8.72 -12.43
N MET B 193 16.70 -8.39 -12.81
CA MET B 193 15.82 -9.39 -13.42
C MET B 193 16.27 -9.73 -14.84
N ALA B 194 16.73 -8.73 -15.60
CA ALA B 194 17.27 -9.01 -16.92
C ALA B 194 18.54 -9.83 -16.81
N LYS B 195 19.36 -9.56 -15.79
CA LYS B 195 20.58 -10.33 -15.56
C LYS B 195 20.25 -11.79 -15.25
N ALA B 196 19.13 -12.03 -14.58
CA ALA B 196 18.70 -13.38 -14.24
C ALA B 196 18.07 -14.13 -15.42
N GLY B 197 17.92 -13.47 -16.57
CA GLY B 197 17.39 -14.12 -17.75
C GLY B 197 15.89 -14.03 -17.94
N LEU B 198 15.19 -13.25 -17.12
CA LEU B 198 13.75 -13.11 -17.31
C LEU B 198 13.47 -12.33 -18.59
N THR B 199 12.39 -12.72 -19.27
CA THR B 199 11.97 -12.00 -20.45
C THR B 199 11.46 -10.62 -20.07
N LEU B 200 11.22 -9.80 -21.09
CA LEU B 200 10.72 -8.45 -20.86
C LEU B 200 9.37 -8.48 -20.14
N GLN B 201 8.49 -9.40 -20.53
CA GLN B 201 7.20 -9.49 -19.85
C GLN B 201 7.37 -9.98 -18.42
N GLN B 202 8.30 -10.90 -18.19
CA GLN B 202 8.53 -11.41 -16.84
C GLN B 202 9.14 -10.36 -15.92
N GLN B 203 9.98 -9.48 -16.47
CA GLN B 203 10.54 -8.41 -15.66
C GLN B 203 9.46 -7.47 -15.15
N HIS B 204 8.57 -7.04 -16.05
CA HIS B 204 7.49 -6.13 -15.66
C HIS B 204 6.55 -6.80 -14.68
N GLN B 205 6.20 -8.07 -14.91
CA GLN B 205 5.31 -8.76 -13.99
C GLN B 205 5.95 -8.92 -12.62
N ARG B 206 7.23 -9.29 -12.57
CA ARG B 206 7.90 -9.49 -11.28
C ARG B 206 8.10 -8.16 -10.57
N LEU B 207 8.41 -7.10 -11.31
CA LEU B 207 8.51 -5.78 -10.70
C LEU B 207 7.20 -5.40 -10.01
N ALA B 208 6.07 -5.61 -10.69
CA ALA B 208 4.78 -5.28 -10.09
C ALA B 208 4.50 -6.14 -8.87
N GLN B 209 4.82 -7.45 -8.95
CA GLN B 209 4.58 -8.33 -7.81
C GLN B 209 5.34 -7.86 -6.59
N LEU B 210 6.61 -7.45 -6.76
CA LEU B 210 7.40 -7.01 -5.61
C LEU B 210 6.85 -5.72 -5.02
N LEU B 211 6.50 -4.75 -5.87
CA LEU B 211 6.05 -3.46 -5.35
C LEU B 211 4.66 -3.54 -4.73
N LEU B 212 3.82 -4.49 -5.17
CA LEU B 212 2.53 -4.67 -4.54
C LEU B 212 2.65 -5.27 -3.15
N ILE B 213 3.71 -6.02 -2.88
CA ILE B 213 3.95 -6.51 -1.54
C ILE B 213 4.24 -5.36 -0.59
N LEU B 214 4.80 -4.26 -1.10
CA LEU B 214 5.04 -3.09 -0.25
C LEU B 214 3.73 -2.51 0.27
N SER B 215 2.64 -2.66 -0.49
CA SER B 215 1.34 -2.23 0.00
C SER B 215 0.94 -3.01 1.24
N HIS B 216 1.22 -4.32 1.25
CA HIS B 216 0.92 -5.13 2.42
C HIS B 216 1.87 -4.81 3.56
N ILE B 217 3.14 -4.51 3.25
CA ILE B 217 4.07 -4.12 4.30
C ILE B 217 3.63 -2.80 4.94
N ARG B 218 3.16 -1.84 4.13
CA ARG B 218 2.58 -0.63 4.69
C ARG B 218 1.41 -0.95 5.60
N HIS B 219 0.52 -1.85 5.16
CA HIS B 219 -0.63 -2.22 5.97
C HIS B 219 -0.20 -2.79 7.32
N MET B 220 0.83 -3.64 7.33
CA MET B 220 1.27 -4.24 8.59
C MET B 220 1.87 -3.19 9.51
N SER B 221 2.60 -2.22 8.95
CA SER B 221 3.17 -1.15 9.76
C SER B 221 2.06 -0.29 10.35
N ASN B 222 1.06 0.08 9.54
CA ASN B 222 -0.08 0.84 10.05
C ASN B 222 -0.71 0.14 11.26
N LYS B 223 -0.98 -1.15 11.12
CA LYS B 223 -1.60 -1.91 12.21
C LYS B 223 -0.67 -2.00 13.42
N GLY B 224 0.60 -2.33 13.20
CA GLY B 224 1.54 -2.41 14.30
C GLY B 224 1.74 -1.09 15.00
N MET B 225 1.70 0.02 14.26
CA MET B 225 1.83 1.33 14.89
C MET B 225 0.64 1.64 15.77
N GLU B 226 -0.56 1.22 15.36
CA GLU B 226 -1.75 1.41 16.20
C GLU B 226 -1.60 0.70 17.54
N HIS B 227 -1.11 -0.54 17.52
CA HIS B 227 -0.99 -1.31 18.75
C HIS B 227 0.21 -0.87 19.57
N LEU B 228 1.31 -0.48 18.93
CA LEU B 228 2.42 0.07 19.68
C LEU B 228 2.05 1.40 20.32
N TYR B 229 1.13 2.15 19.70
CA TYR B 229 0.58 3.33 20.35
C TYR B 229 -0.10 2.97 21.67
N SER B 230 -0.71 1.79 21.75
CA SER B 230 -1.41 1.33 22.95
C SER B 230 -0.38 0.83 23.96
N MET B 231 0.23 1.79 24.66
CA MET B 231 1.24 1.48 25.67
C MET B 231 0.84 2.04 27.03
N HIS C 2 -25.97 -13.96 8.07
CA HIS C 2 -24.83 -14.06 7.17
C HIS C 2 -24.05 -12.74 7.15
N LYS C 3 -24.19 -12.00 6.04
CA LYS C 3 -23.56 -10.70 5.91
C LYS C 3 -24.30 -9.93 4.83
N ILE C 4 -24.32 -8.60 4.96
CA ILE C 4 -24.96 -7.78 3.94
C ILE C 4 -24.17 -7.81 2.65
N LEU C 5 -22.84 -7.70 2.74
CA LEU C 5 -21.99 -7.85 1.57
C LEU C 5 -22.20 -9.21 0.92
N HIS C 6 -22.30 -10.26 1.74
CA HIS C 6 -22.63 -11.59 1.24
C HIS C 6 -23.90 -11.56 0.42
N ARG C 7 -24.93 -10.91 0.93
CA ARG C 7 -26.22 -10.84 0.24
C ARG C 7 -26.13 -10.00 -1.03
N LEU C 8 -25.48 -8.83 -0.95
CA LEU C 8 -25.41 -7.95 -2.10
C LEU C 8 -24.63 -8.57 -3.26
N LEU C 9 -23.59 -9.35 -2.95
CA LEU C 9 -22.85 -10.01 -4.03
C LEU C 9 -23.69 -11.07 -4.72
N GLN C 10 -24.61 -11.71 -3.99
CA GLN C 10 -25.50 -12.70 -4.61
C GLN C 10 -26.56 -12.03 -5.46
N ASP C 11 -27.11 -10.91 -4.99
CA ASP C 11 -28.15 -10.20 -5.72
C ASP C 11 -27.61 -9.59 -7.01
N LYS D 3 14.75 15.79 18.45
CA LYS D 3 14.50 14.41 18.85
C LYS D 3 15.80 13.60 18.86
N ILE D 4 15.71 12.38 19.39
CA ILE D 4 16.89 11.52 19.39
C ILE D 4 17.24 11.11 17.97
N LEU D 5 16.22 10.85 17.16
CA LEU D 5 16.44 10.58 15.74
C LEU D 5 17.20 11.72 15.08
N HIS D 6 16.89 12.97 15.47
CA HIS D 6 17.61 14.11 14.92
C HIS D 6 19.06 14.10 15.37
N ARG D 7 19.31 13.72 16.62
CA ARG D 7 20.68 13.70 17.14
C ARG D 7 21.50 12.58 16.50
N LEU D 8 20.86 11.44 16.23
CA LEU D 8 21.57 10.32 15.63
C LEU D 8 21.96 10.63 14.19
N LEU D 9 21.17 11.44 13.49
CA LEU D 9 21.48 11.86 12.13
C LEU D 9 22.50 13.00 12.11
N01 7EH E . -12.86 9.85 7.77
C02 7EH E . -13.51 9.48 6.54
N03 7EH E . -13.23 9.96 5.33
C04 7EH E . -14.07 9.36 4.39
C05 7EH E . -14.88 8.50 5.09
N06 7EH E . -14.51 8.58 6.40
C07 7EH E . -15.12 7.83 7.47
N08 7EH E . -15.83 7.73 4.46
C09 7EH E . -16.01 7.81 3.15
C10 7EH E . -15.25 8.66 2.34
C11 7EH E . -15.48 8.74 0.84
C12 7EH E . -14.41 8.57 -0.04
C13 7EH E . -14.64 8.65 -1.42
C14 7EH E . -15.90 8.90 -1.91
C15 7EH E . -16.97 9.07 -1.03
C16 7EH E . -16.75 8.99 0.35
C17 7EH E . -14.24 9.46 2.95
C01 7ET F . 11.96 -6.41 14.24
C02 7ET F . 11.79 -6.11 15.54
C03 7ET F . 10.57 -6.07 16.08
C04 7ET F . 9.44 -6.32 15.37
C05 7ET F . 9.63 -6.62 14.06
C06 7ET F . 10.85 -6.66 13.52
C07 7ET F . 8.21 -6.29 15.93
C08 7ET F . 7.65 -5.52 16.91
C09 7ET F . 6.23 -6.03 17.01
C10 7ET F . 8.04 -4.47 17.66
C11 7ET F . 7.83 -4.40 18.99
C12 7ET F . 8.21 -3.33 19.70
C13 7ET F . 8.80 -2.26 19.15
C14 7ET F . 8.98 -2.33 17.82
C15 7ET F . 8.62 -3.40 17.09
C16 7ET F . 7.08 -7.25 15.53
C17 7ET F . 5.59 -5.42 15.75
C18 7ET F . 6.02 -6.49 14.72
O01 7ET F . 6.37 -7.41 16.72
O02 7ET F . 9.15 -1.19 19.95
C19 7ET F . 9.66 -0.03 19.36
C20 7ET F . 9.82 1.05 20.44
N01 7ET F . 11.02 1.86 20.25
C21 7ET F . 11.36 2.71 21.38
C22 7ET F . 11.21 2.40 18.90
O03 7ET F . 13.19 -6.46 13.68
S01 7ET F . 3.78 -5.04 15.88
O04 7ET F . 3.51 -6.30 16.94
C23 7ET F . 2.57 -5.99 17.90
C24 7ET F . 1.28 -6.38 17.77
C25 7ET F . 0.33 -6.10 18.68
C26 7ET F . 0.67 -5.43 19.79
C27 7ET F . 1.95 -5.04 19.94
C28 7ET F . 2.87 -5.31 19.02
O05 7ET F . 3.80 -3.71 16.48
O06 7ET F . 3.36 -5.25 14.50
C29 7ET F . 11.28 4.23 21.17
C30 7ET F . 11.08 3.91 18.76
C31 7ET F . 11.92 4.62 19.83
F01 7ET F . 2.29 -4.37 21.03
#